data_5LKK
#
_entry.id   5LKK
#
_cell.length_a   75.140
_cell.length_b   86.710
_cell.length_c   96.170
_cell.angle_alpha   90.000
_cell.angle_beta   90.000
_cell.angle_gamma   90.000
#
_symmetry.space_group_name_H-M   'P 21 21 21'
#
loop_
_entity.id
_entity.type
_entity.pdbx_description
1 polymer 'Major capsid protein'
2 branched alpha-L-fucopyranose-(1-3)-[beta-D-galactopyranose-(1-4)]alpha-D-glucopyranose
3 non-polymer 1,2-ETHANEDIOL
4 non-polymer 'MAGNESIUM ION'
5 water water
#
_entity_poly.entity_id   1
_entity_poly.type   'polypeptide(L)'
_entity_poly.pdbx_seq_one_letter_code
;GSKPFSLPILTLSELTNSRFPVPIDSLFTAQNNVLQVQCQNGRCTLDGELQGTTQLLPTGICAFRGRVTAQINQRDRWHM
QLQNLNGTTYDPTDDVPAPLGTPDFKGVVFGMVSQRNVGNDAPGSTRAQQAWVSTYSPQFVPKLGSVNLRISDNDDFQFQ
PTKFTPVGVNDDDDGHPFRQWELPNYSGELTLNMNLAPPVAPNFPGEQLLFFRSFVPCSGGYNQGIIDCLIPQEWIQHFY
QESAPSQSDVALIRYVNPDTGRTLFEAKLHRSGYITVAHSGDYPLVVPANGHFRFDSWVNQFYSLAPM
;
_entity_poly.pdbx_strand_id   A,B
#
# COMPACT_ATOMS: atom_id res chain seq x y z
N SER A 2 -9.70 -26.34 -17.49
CA SER A 2 -8.98 -25.08 -17.35
C SER A 2 -9.35 -24.37 -16.05
N LYS A 3 -8.40 -23.66 -15.48
CA LYS A 3 -8.59 -22.97 -14.21
C LYS A 3 -9.75 -21.97 -14.28
N PRO A 4 -10.76 -22.13 -13.40
CA PRO A 4 -11.89 -21.19 -13.41
C PRO A 4 -11.45 -19.78 -13.05
N PHE A 5 -11.95 -18.82 -13.83
CA PHE A 5 -11.75 -17.42 -13.52
C PHE A 5 -12.54 -17.01 -12.27
N SER A 6 -12.04 -16.01 -11.55
CA SER A 6 -12.67 -15.54 -10.33
C SER A 6 -12.14 -14.15 -10.00
N LEU A 7 -12.89 -13.47 -9.14
CA LEU A 7 -12.49 -12.20 -8.56
C LEU A 7 -12.22 -12.43 -7.08
N PRO A 8 -11.31 -11.64 -6.49
CA PRO A 8 -11.26 -11.70 -5.04
C PRO A 8 -12.55 -11.09 -4.47
N ILE A 9 -12.94 -11.51 -3.28
CA ILE A 9 -14.17 -11.02 -2.66
C ILE A 9 -13.81 -9.92 -1.68
N LEU A 10 -14.02 -8.67 -2.12
CA LEU A 10 -13.59 -7.49 -1.39
C LEU A 10 -14.61 -6.38 -1.62
N THR A 11 -15.01 -5.71 -0.53
CA THR A 11 -15.86 -4.53 -0.65
C THR A 11 -15.04 -3.32 -1.13
N LEU A 12 -15.71 -2.23 -1.48
CA LEU A 12 -14.99 -1.08 -2.04
C LEU A 12 -13.93 -0.58 -1.09
N SER A 13 -14.25 -0.55 0.21
CA SER A 13 -13.31 -0.01 1.17
C SER A 13 -12.19 -1.00 1.50
N GLU A 14 -12.30 -2.22 0.96
CA GLU A 14 -11.24 -3.23 1.05
C GLU A 14 -10.40 -3.28 -0.23
N LEU A 15 -10.56 -2.28 -1.10
CA LEU A 15 -9.84 -2.22 -2.37
C LEU A 15 -8.93 -0.99 -2.42
N THR A 16 -7.80 -1.18 -3.09
CA THR A 16 -6.81 -0.12 -3.31
C THR A 16 -6.89 0.35 -4.74
N ASN A 17 -6.86 1.65 -4.93
CA ASN A 17 -6.74 2.20 -6.27
C ASN A 17 -5.44 1.76 -6.91
N SER A 18 -5.49 1.32 -8.16
CA SER A 18 -4.30 0.84 -8.85
C SER A 18 -3.49 1.97 -9.49
N ARG A 19 -4.00 3.20 -9.38
CA ARG A 19 -3.30 4.36 -9.95
C ARG A 19 -2.80 5.35 -8.90
N PHE A 20 -3.17 5.15 -7.63
CA PHE A 20 -2.68 5.98 -6.55
C PHE A 20 -2.85 5.17 -5.26
N PRO A 21 -1.88 5.26 -4.33
CA PRO A 21 -1.91 4.34 -3.18
C PRO A 21 -2.87 4.73 -2.05
N VAL A 22 -4.15 4.63 -2.35
CA VAL A 22 -5.20 4.93 -1.38
C VAL A 22 -6.36 3.99 -1.65
N PRO A 23 -7.30 3.90 -0.71
CA PRO A 23 -8.47 3.03 -0.92
C PRO A 23 -9.41 3.57 -1.99
N ILE A 24 -10.22 2.67 -2.56
CA ILE A 24 -11.35 3.07 -3.39
C ILE A 24 -12.43 3.68 -2.49
N ASP A 25 -13.03 4.76 -2.99
CA ASP A 25 -14.14 5.43 -2.30
C ASP A 25 -15.50 5.08 -2.90
N SER A 26 -15.57 4.94 -4.23
CA SER A 26 -16.87 4.79 -4.87
C SER A 26 -16.71 4.27 -6.29
N LEU A 27 -17.83 3.95 -6.93
CA LEU A 27 -17.87 3.57 -8.33
C LEU A 27 -18.47 4.72 -9.12
N PHE A 28 -18.01 4.90 -10.36
CA PHE A 28 -18.50 5.99 -11.19
C PHE A 28 -18.51 5.57 -12.64
N THR A 29 -19.59 5.87 -13.36
CA THR A 29 -19.63 5.64 -14.80
C THR A 29 -19.63 6.98 -15.51
N ALA A 30 -18.84 7.07 -16.58
CA ALA A 30 -18.56 8.33 -17.28
C ALA A 30 -19.20 8.35 -18.65
N GLN A 31 -19.73 9.52 -19.03
CA GLN A 31 -20.19 9.74 -20.38
C GLN A 31 -19.04 9.55 -21.35
N ASN A 32 -19.33 9.01 -22.53
CA ASN A 32 -18.30 8.82 -23.52
C ASN A 32 -17.90 10.17 -24.14
N ASN A 33 -16.61 10.46 -24.17
CA ASN A 33 -16.11 11.68 -24.80
C ASN A 33 -15.51 11.41 -26.17
N GLN A 36 -9.96 10.38 -24.17
CA GLN A 36 -9.21 9.15 -24.38
C GLN A 36 -8.67 8.61 -23.06
N VAL A 37 -9.08 7.38 -22.72
CA VAL A 37 -8.63 6.73 -21.50
C VAL A 37 -7.48 5.79 -21.83
N GLN A 38 -6.30 6.08 -21.29
CA GLN A 38 -5.13 5.29 -21.62
C GLN A 38 -4.15 5.31 -20.46
N CYS A 39 -4.66 5.08 -19.26
CA CYS A 39 -3.80 5.00 -18.09
C CYS A 39 -2.84 3.83 -18.23
N GLN A 40 -1.69 3.96 -17.57
CA GLN A 40 -0.62 2.96 -17.67
C GLN A 40 -0.39 2.20 -16.39
N ASN A 41 -0.77 2.77 -15.25
CA ASN A 41 -0.87 1.99 -14.03
C ASN A 41 -2.26 1.37 -13.96
N GLY A 42 -2.40 0.28 -13.22
CA GLY A 42 -3.68 -0.39 -13.11
C GLY A 42 -4.11 -1.06 -14.39
N ARG A 43 -3.15 -1.62 -15.12
CA ARG A 43 -3.40 -2.30 -16.39
C ARG A 43 -2.97 -3.76 -16.29
N CYS A 44 -3.94 -4.64 -16.48
CA CYS A 44 -3.70 -6.08 -16.37
C CYS A 44 -4.80 -6.81 -17.09
N THR A 45 -4.43 -7.81 -17.87
CA THR A 45 -5.44 -8.64 -18.52
C THR A 45 -6.07 -9.59 -17.50
N LEU A 46 -7.24 -10.11 -17.84
CA LEU A 46 -7.91 -11.03 -16.93
C LEU A 46 -7.13 -12.32 -16.71
N ASP A 47 -6.24 -12.67 -17.65
CA ASP A 47 -5.41 -13.86 -17.51
C ASP A 47 -4.04 -13.59 -16.88
N GLY A 48 -3.86 -12.37 -16.35
CA GLY A 48 -2.76 -12.10 -15.46
C GLY A 48 -1.51 -11.48 -16.08
N GLU A 49 -1.66 -10.84 -17.24
CA GLU A 49 -0.53 -10.14 -17.87
C GLU A 49 -0.55 -8.67 -17.51
N LEU A 50 0.42 -8.25 -16.71
CA LEU A 50 0.57 -6.83 -16.39
C LEU A 50 0.98 -6.06 -17.64
N GLN A 51 0.45 -4.85 -17.77
CA GLN A 51 0.75 -4.00 -18.91
C GLN A 51 1.14 -2.59 -18.47
N GLY A 52 1.59 -1.78 -19.41
CA GLY A 52 1.96 -0.41 -19.10
C GLY A 52 3.08 -0.35 -18.08
N THR A 53 2.89 0.47 -17.05
CA THR A 53 3.88 0.62 -15.98
C THR A 53 3.41 -0.11 -14.72
N THR A 54 2.51 -1.07 -14.88
CA THR A 54 1.87 -1.71 -13.74
C THR A 54 2.80 -2.71 -13.06
N GLN A 55 2.89 -2.58 -11.75
CA GLN A 55 3.60 -3.55 -10.92
C GLN A 55 2.68 -3.96 -9.76
N LEU A 56 3.14 -4.85 -8.90
CA LEU A 56 2.23 -5.52 -7.95
C LEU A 56 2.04 -4.83 -6.63
N LEU A 57 2.98 -3.99 -6.19
CA LEU A 57 2.90 -3.47 -4.83
C LEU A 57 2.09 -2.20 -4.76
N PRO A 58 1.06 -2.17 -3.92
CA PRO A 58 0.34 -0.91 -3.78
C PRO A 58 1.25 0.21 -3.34
N THR A 59 2.27 -0.08 -2.52
CA THR A 59 3.19 0.94 -2.03
CA THR A 59 3.12 1.01 -2.05
C THR A 59 4.12 1.46 -3.12
N GLY A 60 4.16 0.76 -4.25
CA GLY A 60 4.96 1.18 -5.38
C GLY A 60 4.30 2.17 -6.33
N ILE A 61 2.99 2.35 -6.21
CA ILE A 61 2.27 3.15 -7.17
C ILE A 61 2.60 4.64 -6.96
N CYS A 62 3.10 5.29 -8.01
CA CYS A 62 3.55 6.68 -7.96
C CYS A 62 4.74 6.90 -7.02
N ALA A 63 5.48 5.84 -6.73
CA ALA A 63 6.72 5.94 -5.98
C ALA A 63 7.93 5.96 -6.89
N PHE A 64 9.03 6.49 -6.39
CA PHE A 64 10.32 6.42 -7.07
C PHE A 64 11.38 5.98 -6.09
N ARG A 65 12.37 5.28 -6.62
CA ARG A 65 13.53 4.85 -5.87
C ARG A 65 14.75 5.14 -6.72
N GLY A 66 15.82 5.60 -6.10
CA GLY A 66 17.05 5.81 -6.85
C GLY A 66 18.10 6.54 -6.03
N ARG A 67 18.82 7.43 -6.70
CA ARG A 67 19.88 8.21 -6.07
C ARG A 67 19.80 9.62 -6.63
N VAL A 68 19.98 10.61 -5.77
CA VAL A 68 20.08 11.98 -6.24
C VAL A 68 21.55 12.22 -6.58
N THR A 69 21.79 12.77 -7.76
CA THR A 69 23.16 12.85 -8.30
C THR A 69 23.63 14.25 -8.67
N ALA A 70 22.70 15.19 -8.77
CA ALA A 70 23.06 16.52 -9.22
C ALA A 70 21.95 17.49 -8.87
N GLN A 71 22.26 18.78 -8.95
CA GLN A 71 21.22 19.78 -8.86
C GLN A 71 21.41 20.80 -9.97
N ILE A 72 20.30 21.36 -10.43
CA ILE A 72 20.31 22.40 -11.44
C ILE A 72 19.60 23.63 -10.92
N ASN A 73 19.91 24.77 -11.54
CA ASN A 73 19.33 26.03 -11.11
C ASN A 73 17.99 26.28 -11.80
N GLN A 74 17.03 25.42 -11.46
CA GLN A 74 15.68 25.44 -12.00
C GLN A 74 14.77 25.04 -10.85
N ARG A 75 13.49 25.32 -10.97
CA ARG A 75 12.53 24.91 -9.94
C ARG A 75 12.58 23.40 -9.70
N ASP A 76 12.65 22.62 -10.78
CA ASP A 76 12.80 21.17 -10.67
C ASP A 76 14.29 20.90 -10.47
N ARG A 77 14.72 21.04 -9.22
CA ARG A 77 16.12 21.28 -8.91
C ARG A 77 16.96 20.03 -8.77
N TRP A 78 16.41 18.99 -8.17
CA TRP A 78 17.22 17.86 -7.74
C TRP A 78 17.08 16.67 -8.68
N HIS A 79 18.18 16.28 -9.29
CA HIS A 79 18.20 15.24 -10.30
C HIS A 79 18.27 13.85 -9.67
N MET A 80 17.20 13.08 -9.83
CA MET A 80 17.13 11.74 -9.25
C MET A 80 17.25 10.69 -10.34
N GLN A 81 18.37 9.97 -10.33
CA GLN A 81 18.58 8.85 -11.22
C GLN A 81 17.82 7.67 -10.65
N LEU A 82 16.97 7.07 -11.47
CA LEU A 82 16.07 6.03 -11.01
C LEU A 82 16.67 4.64 -11.06
N GLN A 83 16.26 3.84 -10.08
CA GLN A 83 16.35 2.39 -10.12
C GLN A 83 14.95 1.86 -10.29
N ASN A 84 14.82 0.56 -10.52
CA ASN A 84 13.52 -0.06 -10.38
C ASN A 84 13.15 -0.03 -8.90
N LEU A 85 11.86 -0.09 -8.61
CA LEU A 85 11.40 0.02 -7.23
C LEU A 85 12.01 -1.05 -6.33
N ASN A 86 12.37 -2.19 -6.90
CA ASN A 86 13.00 -3.25 -6.12
C ASN A 86 14.52 -3.07 -5.94
N GLY A 87 15.04 -1.94 -6.40
CA GLY A 87 16.43 -1.59 -6.16
C GLY A 87 17.39 -2.08 -7.23
N THR A 88 16.87 -2.86 -8.17
CA THR A 88 17.70 -3.29 -9.29
C THR A 88 17.89 -2.17 -10.29
N THR A 89 18.94 -2.30 -11.07
CA THR A 89 19.29 -1.30 -12.06
C THR A 89 18.22 -1.17 -13.13
N TYR A 90 17.83 0.07 -13.40
CA TYR A 90 16.82 0.34 -14.42
C TYR A 90 17.45 0.32 -15.80
N ASP A 91 16.80 -0.39 -16.71
CA ASP A 91 17.26 -0.50 -18.09
C ASP A 91 16.32 0.27 -19.02
N PRO A 92 16.77 1.43 -19.53
CA PRO A 92 15.92 2.22 -20.42
C PRO A 92 15.54 1.55 -21.73
N THR A 93 16.18 0.43 -22.08
CA THR A 93 15.85 -0.28 -23.32
C THR A 93 14.74 -1.32 -23.15
N ASP A 94 14.29 -1.54 -21.90
CA ASP A 94 13.22 -2.49 -21.69
CA ASP A 94 13.18 -2.45 -21.61
C ASP A 94 11.92 -2.02 -22.35
N ASP A 95 11.05 -2.99 -22.69
CA ASP A 95 9.81 -2.71 -23.42
C ASP A 95 8.70 -2.24 -22.48
N VAL A 96 8.95 -1.13 -21.82
CA VAL A 96 7.98 -0.52 -20.92
C VAL A 96 7.95 0.98 -21.18
N PRO A 97 6.85 1.66 -20.83
CA PRO A 97 6.79 3.11 -21.07
C PRO A 97 7.73 3.92 -20.19
N ALA A 98 8.04 3.37 -19.02
CA ALA A 98 8.78 4.05 -17.97
C ALA A 98 9.00 2.99 -16.88
N PRO A 99 9.84 3.29 -15.89
CA PRO A 99 9.94 2.36 -14.76
C PRO A 99 8.57 2.05 -14.17
N LEU A 100 8.39 0.80 -13.76
CA LEU A 100 7.10 0.42 -13.23
C LEU A 100 6.77 1.25 -11.99
N GLY A 101 5.52 1.67 -11.90
CA GLY A 101 5.05 2.52 -10.81
C GLY A 101 5.04 4.02 -11.11
N THR A 102 5.75 4.45 -12.15
CA THR A 102 5.81 5.87 -12.53
C THR A 102 4.39 6.44 -12.64
N PRO A 103 4.15 7.66 -12.14
CA PRO A 103 2.82 8.25 -12.34
C PRO A 103 2.41 8.31 -13.80
N ASP A 104 1.12 8.14 -14.05
CA ASP A 104 0.59 8.10 -15.42
C ASP A 104 -0.37 9.25 -15.71
N PHE A 105 -0.14 10.40 -15.07
CA PHE A 105 -0.98 11.57 -15.28
C PHE A 105 -0.15 12.84 -15.24
N LYS A 106 -0.71 13.89 -15.82
CA LYS A 106 -0.13 15.23 -15.76
C LYS A 106 -0.60 15.90 -14.49
N GLY A 107 0.35 16.46 -13.75
CA GLY A 107 0.04 17.15 -12.52
C GLY A 107 1.26 17.19 -11.64
N VAL A 108 1.04 17.51 -10.37
CA VAL A 108 2.08 17.48 -9.38
C VAL A 108 1.72 16.41 -8.36
N VAL A 109 2.67 15.53 -8.09
CA VAL A 109 2.50 14.55 -7.02
C VAL A 109 3.28 15.09 -5.84
N PHE A 110 2.63 15.20 -4.68
CA PHE A 110 3.32 15.66 -3.49
C PHE A 110 3.46 14.51 -2.52
N GLY A 111 4.51 14.56 -1.73
CA GLY A 111 4.74 13.54 -0.74
C GLY A 111 6.01 13.87 0.01
N MET A 112 6.80 12.86 0.33
CA MET A 112 8.07 13.07 1.02
C MET A 112 9.19 12.32 0.35
N VAL A 113 10.38 12.91 0.42
CA VAL A 113 11.59 12.21 0.05
C VAL A 113 12.30 11.80 1.32
N SER A 114 12.99 10.68 1.26
CA SER A 114 13.82 10.23 2.35
C SER A 114 15.14 9.72 1.77
N GLN A 115 16.21 9.90 2.55
CA GLN A 115 17.53 9.43 2.15
C GLN A 115 18.14 8.61 3.27
N ARG A 116 19.01 7.69 2.89
CA ARG A 116 19.82 6.95 3.84
C ARG A 116 21.17 6.73 3.17
N ASN A 117 22.20 7.36 3.75
CA ASN A 117 23.52 7.39 3.14
C ASN A 117 24.16 6.04 3.11
N VAL A 118 24.93 5.83 2.04
CA VAL A 118 25.83 4.69 1.94
C VAL A 118 27.19 5.18 1.50
N GLY A 119 28.21 4.37 1.76
CA GLY A 119 29.55 4.67 1.30
C GLY A 119 30.32 5.53 2.28
N ASN A 120 31.03 6.51 1.73
CA ASN A 120 32.01 7.26 2.51
C ASN A 120 31.47 8.41 3.35
N ASP A 121 30.35 9.00 2.97
CA ASP A 121 29.82 10.17 3.63
CA ASP A 121 29.82 10.17 3.67
C ASP A 121 28.79 9.75 4.68
N ALA A 122 29.15 9.81 5.96
CA ALA A 122 28.21 9.54 7.07
C ALA A 122 27.27 8.37 6.77
N PRO A 123 27.83 7.19 6.47
CA PRO A 123 26.96 6.06 6.11
C PRO A 123 25.95 5.75 7.20
N GLY A 124 24.71 5.55 6.79
CA GLY A 124 23.63 5.30 7.70
C GLY A 124 22.88 6.55 8.14
N SER A 125 23.43 7.73 7.88
CA SER A 125 22.70 8.95 8.22
C SER A 125 21.44 9.08 7.34
N THR A 126 20.39 9.64 7.92
CA THR A 126 19.11 9.73 7.24
C THR A 126 18.53 11.13 7.34
N ARG A 127 17.57 11.40 6.46
CA ARG A 127 16.83 12.65 6.48
C ARG A 127 15.59 12.47 5.64
N ALA A 128 14.55 13.25 5.94
CA ALA A 128 13.32 13.22 5.18
C ALA A 128 12.65 14.57 5.20
N GLN A 129 11.95 14.90 4.13
CA GLN A 129 11.24 16.17 4.04
C GLN A 129 10.20 16.12 2.95
N GLN A 130 9.32 17.12 2.93
CA GLN A 130 8.33 17.20 1.86
CA GLN A 130 8.33 17.23 1.85
C GLN A 130 8.99 17.45 0.50
N ALA A 131 8.38 16.85 -0.54
CA ALA A 131 8.85 16.99 -1.88
C ALA A 131 7.68 16.92 -2.84
N TRP A 132 7.94 17.37 -4.05
CA TRP A 132 6.98 17.39 -5.13
C TRP A 132 7.66 16.93 -6.40
N VAL A 133 6.90 16.19 -7.22
CA VAL A 133 7.34 15.81 -8.55
C VAL A 133 6.30 16.31 -9.54
N SER A 134 6.73 17.21 -10.40
CA SER A 134 5.88 17.68 -11.48
C SER A 134 6.05 16.82 -12.70
N THR A 135 4.97 16.21 -13.17
CA THR A 135 5.06 15.38 -14.36
C THR A 135 4.93 16.19 -15.65
N TYR A 136 4.79 17.51 -15.51
CA TYR A 136 4.90 18.43 -16.65
C TYR A 136 6.34 18.82 -16.94
N SER A 137 7.22 18.64 -15.97
CA SER A 137 8.59 19.15 -16.05
C SER A 137 9.31 18.60 -17.25
N PRO A 138 10.13 19.45 -17.91
CA PRO A 138 10.99 18.92 -18.96
C PRO A 138 12.06 17.97 -18.40
N GLN A 139 12.25 17.97 -17.08
CA GLN A 139 13.15 17.04 -16.44
C GLN A 139 12.44 15.80 -15.94
N PHE A 140 11.14 15.69 -16.19
CA PHE A 140 10.42 14.46 -15.91
C PHE A 140 10.64 13.53 -17.08
N VAL A 141 11.71 12.75 -17.00
CA VAL A 141 12.11 11.86 -18.09
C VAL A 141 12.35 10.45 -17.55
N PRO A 142 11.35 9.89 -16.86
CA PRO A 142 11.56 8.60 -16.18
C PRO A 142 11.95 7.48 -17.15
N LYS A 143 11.41 7.48 -18.36
CA LYS A 143 11.80 6.47 -19.33
C LYS A 143 13.30 6.50 -19.60
N LEU A 144 13.86 7.71 -19.66
CA LEU A 144 15.30 7.87 -19.87
C LEU A 144 16.11 7.54 -18.62
N GLY A 145 15.46 7.54 -17.47
CA GLY A 145 16.08 7.12 -16.24
C GLY A 145 16.16 8.15 -15.13
N SER A 146 15.48 9.28 -15.26
CA SER A 146 15.53 10.28 -14.20
C SER A 146 14.30 11.17 -14.10
N VAL A 147 14.08 11.70 -12.90
CA VAL A 147 13.10 12.75 -12.68
C VAL A 147 13.77 13.78 -11.80
N ASN A 148 13.29 15.03 -11.86
CA ASN A 148 13.79 16.03 -10.93
C ASN A 148 12.75 16.39 -9.89
N LEU A 149 13.24 16.56 -8.67
CA LEU A 149 12.42 16.83 -7.50
C LEU A 149 12.47 18.29 -7.10
N ARG A 150 11.34 18.79 -6.61
CA ARG A 150 11.29 20.03 -5.85
C ARG A 150 11.22 19.62 -4.39
N ILE A 151 11.99 20.26 -3.53
CA ILE A 151 11.95 19.93 -2.10
C ILE A 151 11.76 21.18 -1.25
N SER A 152 11.49 20.96 0.04
CA SER A 152 11.18 22.05 0.96
CA SER A 152 11.17 22.07 0.93
C SER A 152 12.40 22.75 1.55
N ASP A 153 13.49 22.00 1.70
CA ASP A 153 14.70 22.51 2.35
C ASP A 153 15.93 22.10 1.55
N ASN A 154 16.39 22.99 0.68
CA ASN A 154 17.47 22.68 -0.25
C ASN A 154 18.80 22.52 0.45
N ASP A 155 18.86 22.91 1.73
CA ASP A 155 20.11 22.87 2.47
C ASP A 155 20.32 21.56 3.23
N ASP A 156 19.32 20.68 3.23
CA ASP A 156 19.44 19.41 3.94
C ASP A 156 19.09 18.25 3.01
N PHE A 157 19.92 18.08 1.99
CA PHE A 157 19.66 17.08 0.97
C PHE A 157 20.99 16.75 0.31
N GLN A 158 21.26 15.47 0.12
CA GLN A 158 22.56 15.01 -0.32
C GLN A 158 22.51 14.14 -1.57
N PHE A 159 23.67 13.84 -2.13
CA PHE A 159 23.73 12.98 -3.31
C PHE A 159 23.83 11.54 -2.83
N GLN A 160 22.69 10.99 -2.46
CA GLN A 160 22.60 9.72 -1.74
C GLN A 160 21.36 8.95 -2.17
N PRO A 161 21.26 7.66 -1.79
CA PRO A 161 20.07 6.87 -2.09
C PRO A 161 18.81 7.55 -1.54
N THR A 162 17.79 7.61 -2.38
CA THR A 162 16.62 8.41 -2.13
C THR A 162 15.37 7.64 -2.51
N LYS A 163 14.33 7.80 -1.70
CA LYS A 163 13.00 7.28 -2.03
C LYS A 163 11.99 8.41 -2.00
N PHE A 164 11.07 8.39 -2.96
CA PHE A 164 9.93 9.30 -2.93
C PHE A 164 8.69 8.51 -2.58
N THR A 165 8.00 8.96 -1.53
CA THR A 165 6.75 8.37 -1.08
C THR A 165 5.62 9.34 -1.37
N PRO A 166 4.70 8.96 -2.26
CA PRO A 166 3.61 9.87 -2.61
C PRO A 166 2.55 9.96 -1.51
N VAL A 167 1.93 11.13 -1.41
CA VAL A 167 0.85 11.32 -0.46
C VAL A 167 -0.42 11.80 -1.19
N GLY A 168 -0.27 12.68 -2.15
CA GLY A 168 -1.43 13.16 -2.89
C GLY A 168 -1.01 13.85 -4.17
N VAL A 169 -1.96 14.57 -4.76
CA VAL A 169 -1.72 15.25 -6.01
C VAL A 169 -2.27 16.66 -5.98
N ASN A 170 -1.89 17.46 -6.98
CA ASN A 170 -2.52 18.74 -7.14
C ASN A 170 -2.25 19.32 -8.51
N ASP A 171 -2.97 20.39 -8.81
CA ASP A 171 -2.62 21.29 -9.88
C ASP A 171 -1.31 21.95 -9.48
N ASP A 172 -0.52 22.39 -10.44
CA ASP A 172 0.65 23.18 -10.10
C ASP A 172 0.20 24.60 -9.76
N ASP A 173 0.99 25.32 -8.97
CA ASP A 173 0.62 26.67 -8.57
C ASP A 173 0.87 27.67 -9.70
N ASP A 174 1.59 27.24 -10.73
CA ASP A 174 1.81 28.07 -11.91
C ASP A 174 0.70 27.87 -12.94
N GLY A 175 -0.26 27.00 -12.61
CA GLY A 175 -1.47 26.88 -13.41
C GLY A 175 -1.57 25.64 -14.29
N HIS A 176 -0.50 24.86 -14.39
CA HIS A 176 -0.58 23.59 -15.11
C HIS A 176 -1.50 22.63 -14.35
N PRO A 177 -2.59 22.17 -14.99
CA PRO A 177 -3.60 21.48 -14.19
C PRO A 177 -3.36 19.98 -13.99
N PHE A 178 -3.91 19.44 -12.91
CA PHE A 178 -3.97 18.00 -12.72
C PHE A 178 -4.97 17.41 -13.72
N ARG A 179 -4.45 16.59 -14.63
CA ARG A 179 -5.27 15.99 -15.68
CA ARG A 179 -5.27 15.99 -15.68
C ARG A 179 -5.03 14.49 -15.66
N GLN A 180 -5.91 13.76 -14.99
CA GLN A 180 -5.69 12.35 -14.74
C GLN A 180 -5.65 11.50 -16.00
N TRP A 181 -6.22 11.99 -17.11
CA TRP A 181 -6.24 11.19 -18.34
C TRP A 181 -5.22 11.62 -19.37
N GLU A 182 -4.39 12.59 -19.02
CA GLU A 182 -3.31 13.01 -19.90
C GLU A 182 -2.01 12.40 -19.45
N LEU A 183 -1.42 11.57 -20.31
CA LEU A 183 -0.16 10.95 -19.97
C LEU A 183 0.97 11.97 -19.94
N PRO A 184 1.93 11.77 -19.03
CA PRO A 184 3.16 12.55 -19.15
C PRO A 184 3.92 12.18 -20.42
N ASN A 185 4.87 13.01 -20.81
CA ASN A 185 5.85 12.61 -21.80
C ASN A 185 6.98 11.90 -21.07
N TYR A 186 6.96 10.57 -21.08
CA TYR A 186 7.90 9.81 -20.27
C TYR A 186 9.37 10.04 -20.61
N SER A 187 9.66 10.45 -21.85
CA SER A 187 11.03 10.82 -22.23
C SER A 187 11.21 12.32 -22.50
N GLY A 188 10.25 13.12 -22.06
CA GLY A 188 10.39 14.56 -22.13
C GLY A 188 9.95 15.21 -23.44
N GLU A 189 10.36 16.46 -23.61
CA GLU A 189 9.84 17.27 -24.71
C GLU A 189 10.26 16.68 -26.04
N LEU A 190 9.32 16.75 -26.98
CA LEU A 190 9.53 16.35 -28.39
C LEU A 190 9.76 14.86 -28.58
N THR A 191 9.41 14.07 -27.55
CA THR A 191 9.48 12.62 -27.65
C THR A 191 8.08 12.04 -27.62
N LEU A 192 7.96 10.85 -28.20
CA LEU A 192 6.70 10.12 -28.24
C LEU A 192 6.77 8.94 -27.29
N ASN A 193 5.71 8.75 -26.51
CA ASN A 193 5.63 7.63 -25.60
C ASN A 193 5.58 6.32 -26.35
N MET A 194 6.14 5.27 -25.77
CA MET A 194 6.23 3.97 -26.42
CA MET A 194 6.13 3.97 -26.43
C MET A 194 5.86 2.86 -25.44
N ASN A 195 5.59 1.67 -25.98
CA ASN A 195 5.27 0.51 -25.16
C ASN A 195 4.05 0.70 -24.28
N LEU A 196 3.13 1.54 -24.74
CA LEU A 196 1.94 1.84 -23.96
C LEU A 196 0.90 0.74 -23.97
N ALA A 197 0.26 0.54 -22.83
CA ALA A 197 -1.00 -0.17 -22.80
C ALA A 197 -1.99 0.63 -23.65
N PRO A 198 -2.85 -0.06 -24.41
CA PRO A 198 -3.69 0.65 -25.37
C PRO A 198 -4.81 1.47 -24.72
N PRO A 199 -5.38 2.43 -25.48
CA PRO A 199 -6.55 3.13 -24.99
C PRO A 199 -7.71 2.16 -24.83
N VAL A 200 -8.61 2.49 -23.91
CA VAL A 200 -9.83 1.70 -23.69
C VAL A 200 -11.08 2.54 -23.89
N ALA A 201 -12.11 1.93 -24.45
CA ALA A 201 -13.35 2.62 -24.71
C ALA A 201 -14.44 1.60 -24.92
N PRO A 202 -15.69 1.98 -24.64
CA PRO A 202 -16.79 1.08 -24.95
C PRO A 202 -16.86 0.82 -26.43
N ASN A 203 -17.33 -0.36 -26.80
CA ASN A 203 -17.42 -0.75 -28.21
C ASN A 203 -18.78 -1.35 -28.51
N PHE A 204 -19.79 -0.92 -27.76
CA PHE A 204 -21.13 -1.42 -27.95
C PHE A 204 -22.08 -0.29 -27.60
N PRO A 205 -23.12 -0.08 -28.42
CA PRO A 205 -23.99 1.08 -28.16
C PRO A 205 -24.64 1.04 -26.79
N GLY A 206 -24.68 2.19 -26.13
CA GLY A 206 -25.36 2.32 -24.86
C GLY A 206 -24.48 2.00 -23.67
N GLU A 207 -23.20 1.69 -23.91
CA GLU A 207 -22.30 1.34 -22.82
C GLU A 207 -21.32 2.45 -22.51
N GLN A 208 -20.91 2.48 -21.24
CA GLN A 208 -19.93 3.44 -20.72
C GLN A 208 -18.94 2.69 -19.85
N LEU A 209 -17.75 3.27 -19.71
CA LEU A 209 -16.79 2.75 -18.75
C LEU A 209 -17.30 2.92 -17.33
N LEU A 210 -16.97 1.95 -16.48
CA LEU A 210 -17.16 2.02 -15.04
C LEU A 210 -15.79 2.09 -14.40
N PHE A 211 -15.62 3.04 -13.50
CA PHE A 211 -14.36 3.24 -12.79
C PHE A 211 -14.48 3.00 -11.32
N PHE A 212 -13.37 2.57 -10.73
CA PHE A 212 -13.20 2.55 -9.28
C PHE A 212 -12.53 3.87 -8.93
N ARG A 213 -13.25 4.70 -8.20
CA ARG A 213 -12.87 6.08 -7.98
C ARG A 213 -12.36 6.33 -6.57
N SER A 214 -11.27 7.10 -6.47
CA SER A 214 -10.79 7.61 -5.20
C SER A 214 -10.72 9.13 -5.23
N PHE A 215 -10.89 9.70 -4.05
CA PHE A 215 -10.68 11.14 -3.84
C PHE A 215 -9.44 11.26 -2.99
N VAL A 216 -8.32 11.53 -3.65
CA VAL A 216 -7.03 11.47 -3.00
C VAL A 216 -6.71 12.80 -2.34
N PRO A 217 -5.70 12.80 -1.46
CA PRO A 217 -5.38 14.07 -0.81
C PRO A 217 -4.88 15.13 -1.78
N CYS A 218 -5.24 16.37 -1.51
CA CYS A 218 -4.64 17.51 -2.18
C CYS A 218 -3.98 18.44 -1.18
N SER A 219 -3.08 19.27 -1.67
CA SER A 219 -2.21 20.08 -0.84
C SER A 219 -2.52 21.56 -0.87
N GLY A 220 -3.77 21.90 -1.10
CA GLY A 220 -4.17 23.29 -1.15
C GLY A 220 -5.17 23.50 -2.26
N GLY A 221 -6.03 24.49 -2.12
CA GLY A 221 -7.05 24.74 -3.13
C GLY A 221 -8.19 23.74 -3.02
N TYR A 222 -8.95 23.61 -4.10
CA TYR A 222 -10.22 22.92 -4.04
C TYR A 222 -10.30 21.70 -4.94
N ASN A 223 -9.16 21.26 -5.48
CA ASN A 223 -9.21 20.10 -6.35
C ASN A 223 -9.83 18.92 -5.62
N GLN A 224 -10.73 18.22 -6.31
CA GLN A 224 -11.40 17.07 -5.73
C GLN A 224 -10.51 15.85 -5.55
N GLY A 225 -9.34 15.84 -6.19
CA GLY A 225 -8.40 14.73 -6.08
C GLY A 225 -8.86 13.44 -6.73
N ILE A 226 -9.68 13.54 -7.78
CA ILE A 226 -10.26 12.34 -8.37
C ILE A 226 -9.22 11.57 -9.18
N ILE A 227 -9.01 10.31 -8.79
CA ILE A 227 -8.25 9.37 -9.60
C ILE A 227 -9.12 8.14 -9.80
N ASP A 228 -9.39 7.86 -11.07
CA ASP A 228 -10.23 6.75 -11.46
C ASP A 228 -9.34 5.65 -12.01
N CYS A 229 -9.54 4.42 -11.55
CA CYS A 229 -8.82 3.29 -12.13
C CYS A 229 -9.79 2.30 -12.75
N LEU A 230 -9.25 1.49 -13.64
CA LEU A 230 -10.07 0.57 -14.42
C LEU A 230 -10.44 -0.69 -13.62
N ILE A 231 -9.45 -1.21 -12.90
CA ILE A 231 -9.65 -2.32 -11.99
C ILE A 231 -8.73 -2.06 -10.80
N PRO A 232 -9.17 -2.44 -9.61
CA PRO A 232 -8.36 -2.13 -8.44
C PRO A 232 -7.14 -3.02 -8.32
N GLN A 233 -6.20 -2.59 -7.49
CA GLN A 233 -4.92 -3.27 -7.38
C GLN A 233 -5.09 -4.72 -6.94
N GLU A 234 -6.02 -5.02 -6.03
CA GLU A 234 -6.15 -6.39 -5.54
C GLU A 234 -6.66 -7.31 -6.65
N TRP A 235 -7.45 -6.79 -7.59
CA TRP A 235 -7.86 -7.61 -8.72
C TRP A 235 -6.65 -7.96 -9.59
N ILE A 236 -5.78 -6.99 -9.82
CA ILE A 236 -4.56 -7.20 -10.58
C ILE A 236 -3.69 -8.25 -9.90
N GLN A 237 -3.53 -8.12 -8.59
CA GLN A 237 -2.73 -9.08 -7.84
C GLN A 237 -3.31 -10.49 -7.94
N HIS A 238 -4.64 -10.57 -7.89
CA HIS A 238 -5.34 -11.82 -8.00
C HIS A 238 -5.18 -12.45 -9.38
N PHE A 239 -5.35 -11.66 -10.43
CA PHE A 239 -5.26 -12.20 -11.79
C PHE A 239 -3.83 -12.65 -12.06
N TYR A 240 -2.87 -11.90 -11.56
CA TYR A 240 -1.47 -12.28 -11.71
C TYR A 240 -1.21 -13.64 -11.05
N GLN A 241 -1.77 -13.86 -9.86
CA GLN A 241 -1.63 -15.16 -9.19
C GLN A 241 -2.32 -16.29 -9.93
N GLU A 242 -3.56 -16.04 -10.33
CA GLU A 242 -4.41 -17.10 -10.85
C GLU A 242 -4.11 -17.47 -12.29
N SER A 243 -3.84 -16.46 -13.10
CA SER A 243 -3.59 -16.65 -14.52
CA SER A 243 -3.57 -16.68 -14.52
C SER A 243 -4.64 -17.57 -15.16
N ALA A 244 -5.89 -17.35 -14.82
CA ALA A 244 -6.97 -18.17 -15.37
C ALA A 244 -7.18 -17.83 -16.85
N PRO A 245 -7.25 -18.84 -17.72
CA PRO A 245 -7.51 -18.55 -19.14
C PRO A 245 -8.82 -17.83 -19.36
N SER A 246 -8.78 -16.82 -20.23
CA SER A 246 -9.99 -16.11 -20.61
C SER A 246 -10.70 -16.92 -21.67
N GLN A 247 -11.95 -17.29 -21.39
CA GLN A 247 -12.65 -18.20 -22.30
C GLN A 247 -13.30 -17.44 -23.43
N SER A 248 -13.50 -16.15 -23.24
CA SER A 248 -14.04 -15.29 -24.28
C SER A 248 -13.52 -13.89 -24.03
N ASP A 249 -14.03 -12.93 -24.79
CA ASP A 249 -13.52 -11.57 -24.70
C ASP A 249 -14.11 -10.77 -23.55
N VAL A 250 -15.16 -11.30 -22.92
CA VAL A 250 -15.88 -10.59 -21.86
C VAL A 250 -16.32 -11.52 -20.75
N ALA A 251 -15.99 -11.16 -19.52
CA ALA A 251 -16.51 -11.83 -18.34
C ALA A 251 -17.69 -11.03 -17.86
N LEU A 252 -18.88 -11.63 -17.89
CA LEU A 252 -20.04 -11.00 -17.29
C LEU A 252 -19.87 -11.06 -15.78
N ILE A 253 -19.99 -9.91 -15.12
CA ILE A 253 -19.90 -9.84 -13.66
C ILE A 253 -21.16 -9.20 -13.07
N ARG A 254 -21.47 -9.60 -11.84
CA ARG A 254 -22.66 -9.10 -11.14
C ARG A 254 -22.24 -8.43 -9.85
N TYR A 255 -22.77 -7.25 -9.59
CA TYR A 255 -22.57 -6.60 -8.31
C TYR A 255 -23.62 -7.12 -7.35
N VAL A 256 -23.19 -7.82 -6.30
CA VAL A 256 -24.11 -8.46 -5.38
C VAL A 256 -24.10 -7.79 -4.01
N ASN A 257 -25.27 -7.75 -3.38
CA ASN A 257 -25.37 -7.40 -1.98
C ASN A 257 -25.38 -8.71 -1.20
N PRO A 258 -24.25 -9.06 -0.57
CA PRO A 258 -24.18 -10.37 0.07
C PRO A 258 -25.11 -10.52 1.28
N ASP A 259 -25.52 -9.43 1.90
CA ASP A 259 -26.41 -9.50 3.07
C ASP A 259 -27.79 -9.97 2.67
N THR A 260 -28.19 -9.63 1.44
CA THR A 260 -29.50 -9.98 0.91
C THR A 260 -29.40 -11.04 -0.19
N GLY A 261 -28.23 -11.15 -0.81
CA GLY A 261 -28.01 -12.12 -1.87
C GLY A 261 -28.43 -11.63 -3.25
N ARG A 262 -28.98 -10.42 -3.32
CA ARG A 262 -29.49 -9.87 -4.57
C ARG A 262 -28.39 -9.28 -5.45
N THR A 263 -28.57 -9.41 -6.77
CA THR A 263 -27.75 -8.71 -7.74
C THR A 263 -28.31 -7.32 -7.98
N LEU A 264 -27.46 -6.31 -7.80
CA LEU A 264 -27.88 -4.93 -7.92
C LEU A 264 -27.78 -4.45 -9.36
N PHE A 265 -26.74 -4.87 -10.07
CA PHE A 265 -26.60 -4.56 -11.48
C PHE A 265 -25.55 -5.48 -12.06
N GLU A 266 -25.46 -5.51 -13.38
CA GLU A 266 -24.46 -6.32 -14.06
C GLU A 266 -23.55 -5.45 -14.95
N ALA A 267 -22.41 -6.00 -15.31
CA ALA A 267 -21.39 -5.28 -16.03
C ALA A 267 -20.55 -6.25 -16.85
N LYS A 268 -19.84 -5.70 -17.83
CA LYS A 268 -18.95 -6.48 -18.67
C LYS A 268 -17.53 -6.19 -18.27
N LEU A 269 -16.80 -7.24 -17.88
CA LEU A 269 -15.38 -7.14 -17.57
C LEU A 269 -14.60 -7.68 -18.75
N HIS A 270 -14.01 -6.76 -19.50
CA HIS A 270 -13.33 -7.10 -20.75
C HIS A 270 -11.98 -7.77 -20.51
N ARG A 271 -11.61 -8.64 -21.44
CA ARG A 271 -10.40 -9.44 -21.34
CA ARG A 271 -10.37 -9.40 -21.46
C ARG A 271 -9.14 -8.62 -21.03
N SER A 272 -9.07 -7.40 -21.54
CA SER A 272 -7.89 -6.58 -21.34
C SER A 272 -7.92 -5.77 -20.06
N GLY A 273 -8.98 -5.91 -19.27
CA GLY A 273 -8.97 -5.42 -17.90
C GLY A 273 -9.66 -4.11 -17.66
N TYR A 274 -10.90 -3.97 -18.12
CA TYR A 274 -11.69 -2.80 -17.81
C TYR A 274 -13.15 -3.20 -17.85
N ILE A 275 -14.01 -2.34 -17.31
CA ILE A 275 -15.41 -2.66 -17.14
C ILE A 275 -16.29 -1.67 -17.89
N THR A 276 -17.34 -2.19 -18.51
CA THR A 276 -18.41 -1.33 -19.05
C THR A 276 -19.76 -1.70 -18.44
N VAL A 277 -20.61 -0.69 -18.40
CA VAL A 277 -22.00 -0.86 -17.96
C VAL A 277 -22.92 -0.17 -18.95
N ALA A 278 -24.20 -0.52 -18.90
CA ALA A 278 -25.18 0.07 -19.77
C ALA A 278 -25.81 1.25 -19.04
N HIS A 279 -25.39 2.45 -19.41
CA HIS A 279 -25.91 3.67 -18.83
C HIS A 279 -25.58 4.82 -19.76
N SER A 280 -26.37 5.88 -19.69
CA SER A 280 -26.08 7.09 -20.41
C SER A 280 -26.01 8.27 -19.44
N GLY A 281 -24.81 8.84 -19.33
CA GLY A 281 -24.57 10.02 -18.52
C GLY A 281 -23.56 9.76 -17.44
N ASP A 282 -22.90 10.81 -16.96
CA ASP A 282 -22.06 10.73 -15.78
C ASP A 282 -22.91 10.34 -14.60
N TYR A 283 -22.44 9.36 -13.82
CA TYR A 283 -23.24 8.87 -12.71
C TYR A 283 -22.36 8.27 -11.61
N PRO A 284 -22.30 8.94 -10.45
CA PRO A 284 -21.69 8.32 -9.28
C PRO A 284 -22.65 7.32 -8.69
N LEU A 285 -22.23 6.07 -8.60
CA LEU A 285 -23.07 5.06 -8.01
C LEU A 285 -23.09 5.27 -6.49
N VAL A 286 -24.24 5.03 -5.91
CA VAL A 286 -24.40 5.04 -4.46
C VAL A 286 -25.05 3.71 -4.13
N VAL A 287 -24.24 2.75 -3.73
CA VAL A 287 -24.66 1.37 -3.53
C VAL A 287 -24.22 0.93 -2.14
N PRO A 288 -24.80 -0.17 -1.62
CA PRO A 288 -24.52 -0.62 -0.25
C PRO A 288 -23.06 -0.94 0.00
N ALA A 289 -22.60 -0.69 1.22
CA ALA A 289 -21.18 -0.75 1.54
C ALA A 289 -20.61 -2.14 1.45
N ASN A 290 -21.46 -3.16 1.60
CA ASN A 290 -20.93 -4.51 1.54
CA ASN A 290 -21.01 -4.55 1.56
C ASN A 290 -20.99 -5.12 0.15
N GLY A 291 -21.37 -4.32 -0.83
CA GLY A 291 -21.46 -4.81 -2.20
C GLY A 291 -20.13 -5.18 -2.82
N HIS A 292 -20.16 -6.17 -3.71
CA HIS A 292 -18.96 -6.51 -4.44
C HIS A 292 -19.31 -7.31 -5.69
N PHE A 293 -18.42 -7.25 -6.67
CA PHE A 293 -18.61 -8.02 -7.88
C PHE A 293 -18.29 -9.50 -7.70
N ARG A 294 -19.03 -10.31 -8.44
CA ARG A 294 -18.75 -11.74 -8.59
C ARG A 294 -18.77 -12.08 -10.07
N PHE A 295 -17.92 -13.00 -10.46
CA PHE A 295 -17.90 -13.47 -11.84
C PHE A 295 -19.14 -14.31 -12.07
N ASP A 296 -19.82 -14.05 -13.18
CA ASP A 296 -20.98 -14.83 -13.56
C ASP A 296 -20.68 -15.85 -14.65
N SER A 297 -20.25 -15.38 -15.81
CA SER A 297 -20.05 -16.27 -16.96
C SER A 297 -19.30 -15.55 -18.06
N TRP A 298 -18.79 -16.31 -19.03
CA TRP A 298 -18.14 -15.74 -20.20
C TRP A 298 -19.15 -15.46 -21.32
N VAL A 299 -19.13 -14.24 -21.85
CA VAL A 299 -20.04 -13.81 -22.91
C VAL A 299 -19.24 -13.15 -24.04
N ASN A 300 -19.89 -12.71 -25.12
CA ASN A 300 -19.13 -11.99 -26.16
C ASN A 300 -19.31 -10.48 -26.11
N GLN A 301 -18.64 -9.79 -27.01
CA GLN A 301 -18.57 -8.33 -26.99
C GLN A 301 -19.93 -7.69 -27.23
N PHE A 302 -20.85 -8.48 -27.76
CA PHE A 302 -22.13 -7.96 -28.22
C PHE A 302 -23.27 -8.39 -27.29
N TYR A 303 -22.92 -8.95 -26.14
CA TYR A 303 -23.90 -9.28 -25.11
C TYR A 303 -24.56 -7.99 -24.62
N SER A 304 -25.89 -8.01 -24.53
CA SER A 304 -26.62 -6.83 -24.12
C SER A 304 -26.86 -6.82 -22.61
N LEU A 305 -26.25 -5.85 -21.94
CA LEU A 305 -26.39 -5.68 -20.50
C LEU A 305 -27.73 -5.11 -20.12
N ALA A 306 -28.23 -5.54 -18.97
CA ALA A 306 -29.39 -4.91 -18.37
C ALA A 306 -29.00 -3.48 -18.02
N PRO A 307 -29.82 -2.50 -18.39
CA PRO A 307 -29.49 -1.10 -18.08
C PRO A 307 -29.40 -0.82 -16.58
N MET A 308 -28.53 0.11 -16.22
CA MET A 308 -28.49 0.68 -14.88
C MET A 308 -29.75 1.47 -14.60
N GLY B 1 -12.54 -33.32 3.07
CA GLY B 1 -13.03 -32.41 2.06
C GLY B 1 -12.53 -31.00 2.28
N SER B 2 -11.38 -30.87 2.93
CA SER B 2 -10.82 -29.56 3.26
C SER B 2 -10.28 -28.85 2.01
N LYS B 3 -10.53 -27.55 1.93
CA LYS B 3 -9.93 -26.73 0.88
C LYS B 3 -8.43 -26.71 1.08
N PRO B 4 -7.64 -26.91 0.00
CA PRO B 4 -6.19 -26.99 0.18
C PRO B 4 -5.58 -25.66 0.59
N PHE B 5 -4.78 -25.68 1.63
CA PHE B 5 -4.03 -24.50 2.04
C PHE B 5 -2.95 -24.18 1.01
N SER B 6 -2.64 -22.91 0.86
CA SER B 6 -1.63 -22.47 -0.09
C SER B 6 -1.09 -21.11 0.28
N LEU B 7 0.07 -20.79 -0.27
CA LEU B 7 0.66 -19.44 -0.20
C LEU B 7 0.55 -18.79 -1.56
N PRO B 8 0.48 -17.45 -1.60
CA PRO B 8 0.63 -16.81 -2.92
C PRO B 8 2.08 -16.97 -3.37
N ILE B 9 2.31 -16.94 -4.68
CA ILE B 9 3.66 -17.10 -5.24
C ILE B 9 4.24 -15.72 -5.53
N LEU B 10 5.10 -15.28 -4.63
CA LEU B 10 5.62 -13.91 -4.68
C LEU B 10 7.05 -13.93 -4.16
N THR B 11 7.94 -13.27 -4.89
CA THR B 11 9.30 -13.10 -4.42
C THR B 11 9.36 -12.03 -3.33
N LEU B 12 10.50 -11.91 -2.66
CA LEU B 12 10.60 -10.97 -1.54
C LEU B 12 10.28 -9.54 -1.97
N SER B 13 10.74 -9.17 -3.15
CA SER B 13 10.54 -7.81 -3.62
C SER B 13 9.12 -7.59 -4.17
N GLU B 14 8.34 -8.67 -4.22
CA GLU B 14 6.92 -8.59 -4.56
C GLU B 14 6.03 -8.68 -3.32
N LEU B 15 6.65 -8.55 -2.15
CA LEU B 15 5.92 -8.61 -0.89
C LEU B 15 5.98 -7.28 -0.15
N THR B 16 4.90 -6.99 0.57
CA THR B 16 4.76 -5.81 1.40
C THR B 16 4.86 -6.18 2.88
N ASN B 17 5.59 -5.38 3.64
CA ASN B 17 5.63 -5.54 5.08
C ASN B 17 4.24 -5.31 5.65
N SER B 18 3.81 -6.18 6.55
CA SER B 18 2.48 -6.06 7.13
C SER B 18 2.44 -5.14 8.35
N ARG B 19 3.60 -4.62 8.74
CA ARG B 19 3.68 -3.72 9.89
C ARG B 19 4.08 -2.29 9.50
N PHE B 20 4.45 -2.08 8.23
CA PHE B 20 4.74 -0.74 7.75
C PHE B 20 4.61 -0.77 6.22
N PRO B 21 4.07 0.30 5.62
CA PRO B 21 3.73 0.21 4.20
C PRO B 21 4.92 0.39 3.25
N VAL B 22 5.79 -0.62 3.23
CA VAL B 22 6.95 -0.65 2.36
C VAL B 22 7.20 -2.10 1.95
N PRO B 23 8.01 -2.31 0.91
CA PRO B 23 8.30 -3.69 0.50
C PRO B 23 9.20 -4.42 1.51
N ILE B 24 9.17 -5.75 1.44
CA ILE B 24 10.14 -6.55 2.18
C ILE B 24 11.51 -6.43 1.52
N ASP B 25 12.54 -6.34 2.35
CA ASP B 25 13.92 -6.29 1.89
C ASP B 25 14.67 -7.61 2.01
N SER B 26 14.42 -8.34 3.10
CA SER B 26 15.18 -9.54 3.38
C SER B 26 14.49 -10.43 4.41
N LEU B 27 15.03 -11.63 4.60
CA LEU B 27 14.58 -12.55 5.64
C LEU B 27 15.62 -12.54 6.75
N PHE B 28 15.16 -12.64 7.99
CA PHE B 28 16.05 -12.58 9.15
C PHE B 28 15.55 -13.51 10.24
N THR B 29 16.42 -14.34 10.80
CA THR B 29 16.07 -15.12 11.98
C THR B 29 16.78 -14.57 13.21
N ALA B 30 16.07 -14.52 14.33
CA ALA B 30 16.56 -13.86 15.53
C ALA B 30 16.77 -14.84 16.67
N GLN B 31 17.84 -14.63 17.43
CA GLN B 31 18.04 -15.35 18.69
C GLN B 31 16.84 -15.15 19.61
N ASN B 32 16.56 -16.16 20.42
CA ASN B 32 15.44 -16.10 21.36
C ASN B 32 15.80 -15.29 22.60
N ASN B 33 14.85 -14.47 23.05
CA ASN B 33 15.03 -13.66 24.26
C ASN B 33 13.96 -13.99 25.29
N GLN B 36 9.96 -10.55 24.04
CA GLN B 36 8.60 -11.00 23.75
C GLN B 36 8.07 -10.38 22.46
N VAL B 37 7.67 -11.22 21.52
CA VAL B 37 7.17 -10.78 20.21
C VAL B 37 5.66 -10.83 20.20
N GLN B 38 5.02 -9.67 20.07
CA GLN B 38 3.57 -9.61 20.16
C GLN B 38 3.05 -8.45 19.32
N CYS B 39 3.55 -8.34 18.10
CA CYS B 39 3.06 -7.30 17.21
C CYS B 39 1.57 -7.52 16.94
N GLN B 40 0.89 -6.42 16.61
CA GLN B 40 -0.56 -6.44 16.42
C GLN B 40 -0.98 -6.19 14.97
N ASN B 41 -0.14 -5.54 14.20
CA ASN B 41 -0.33 -5.54 12.75
C ASN B 41 0.36 -6.76 12.17
N GLY B 42 -0.10 -7.19 11.01
CA GLY B 42 0.44 -8.38 10.37
C GLY B 42 0.11 -9.65 11.11
N ARG B 43 -1.08 -9.72 11.69
CA ARG B 43 -1.50 -10.91 12.45
C ARG B 43 -2.72 -11.54 11.79
N CYS B 44 -2.57 -12.78 11.37
CA CYS B 44 -3.63 -13.50 10.68
C CYS B 44 -3.37 -14.98 10.82
N THR B 45 -4.41 -15.73 11.13
CA THR B 45 -4.25 -17.17 11.23
C THR B 45 -4.19 -17.77 9.83
N LEU B 46 -3.71 -19.00 9.75
CA LEU B 46 -3.56 -19.62 8.45
C LEU B 46 -4.91 -19.87 7.79
N ASP B 47 -5.99 -19.96 8.59
CA ASP B 47 -7.33 -20.11 8.03
C ASP B 47 -8.07 -18.79 7.81
N GLY B 48 -7.37 -17.67 7.87
CA GLY B 48 -7.94 -16.42 7.40
C GLY B 48 -8.58 -15.51 8.42
N GLU B 49 -8.32 -15.72 9.71
CA GLU B 49 -8.85 -14.84 10.76
C GLU B 49 -7.86 -13.75 11.08
N LEU B 50 -8.20 -12.51 10.74
CA LEU B 50 -7.37 -11.37 11.08
C LEU B 50 -7.42 -11.18 12.58
N GLN B 51 -6.28 -10.82 13.16
CA GLN B 51 -6.18 -10.60 14.59
C GLN B 51 -5.51 -9.26 14.91
N GLY B 52 -5.53 -8.87 16.17
CA GLY B 52 -4.90 -7.64 16.58
C GLY B 52 -5.56 -6.46 15.91
N THR B 53 -4.73 -5.58 15.37
CA THR B 53 -5.19 -4.39 14.67
C THR B 53 -5.06 -4.56 13.16
N THR B 54 -5.00 -5.81 12.70
CA THR B 54 -4.71 -6.08 11.29
C THR B 54 -5.91 -5.81 10.41
N GLN B 55 -5.68 -5.05 9.35
CA GLN B 55 -6.68 -4.86 8.29
C GLN B 55 -6.03 -5.22 6.96
N LEU B 56 -6.78 -5.13 5.86
CA LEU B 56 -6.32 -5.73 4.61
C LEU B 56 -5.44 -4.86 3.71
N LEU B 57 -5.53 -3.53 3.81
CA LEU B 57 -4.86 -2.67 2.83
C LEU B 57 -3.47 -2.26 3.27
N PRO B 58 -2.46 -2.45 2.38
CA PRO B 58 -1.17 -1.86 2.75
C PRO B 58 -1.23 -0.39 3.06
N THR B 59 -2.06 0.38 2.36
CA THR B 59 -2.15 1.82 2.58
C THR B 59 -2.79 2.15 3.93
N GLY B 60 -3.37 1.15 4.59
CA GLY B 60 -3.94 1.34 5.92
C GLY B 60 -2.99 1.15 7.08
N ILE B 61 -1.84 0.54 6.82
CA ILE B 61 -0.90 0.21 7.89
C ILE B 61 -0.21 1.48 8.43
N CYS B 62 -0.37 1.71 9.73
CA CYS B 62 0.13 2.93 10.38
C CYS B 62 -0.51 4.22 9.87
N ALA B 63 -1.70 4.09 9.28
CA ALA B 63 -2.48 5.26 8.88
C ALA B 63 -3.55 5.60 9.91
N PHE B 64 -4.01 6.84 9.89
CA PHE B 64 -5.15 7.27 10.70
C PHE B 64 -6.09 8.11 9.84
N ARG B 65 -7.37 8.05 10.19
CA ARG B 65 -8.39 8.84 9.55
C ARG B 65 -9.32 9.35 10.63
N GLY B 66 -9.78 10.59 10.49
CA GLY B 66 -10.72 11.13 11.45
C GLY B 66 -10.94 12.61 11.25
N ARG B 67 -11.08 13.33 12.36
CA ARG B 67 -11.29 14.76 12.31
C ARG B 67 -10.47 15.38 13.42
N VAL B 68 -9.84 16.51 13.16
CA VAL B 68 -9.17 17.24 14.22
C VAL B 68 -10.20 18.10 14.91
N THR B 69 -10.25 18.06 16.24
CA THR B 69 -11.34 18.68 16.97
C THR B 69 -10.89 19.64 18.05
N ALA B 70 -9.61 19.64 18.37
CA ALA B 70 -9.11 20.45 19.47
C ALA B 70 -7.63 20.69 19.33
N GLN B 71 -7.17 21.70 20.05
CA GLN B 71 -5.76 22.06 20.12
C GLN B 71 -5.42 22.17 21.60
N ILE B 72 -4.29 21.59 22.02
CA ILE B 72 -3.79 21.77 23.39
C ILE B 72 -2.39 22.38 23.36
N ASN B 73 -2.03 23.05 24.44
CA ASN B 73 -0.74 23.73 24.51
CA ASN B 73 -0.74 23.71 24.51
C ASN B 73 0.36 22.79 24.98
N GLN B 74 0.76 21.88 24.12
CA GLN B 74 1.80 20.90 24.40
C GLN B 74 2.39 20.46 23.08
N ARG B 75 3.44 19.65 23.14
CA ARG B 75 4.11 19.22 21.94
C ARG B 75 3.16 18.41 21.05
N ASP B 76 2.49 17.42 21.63
CA ASP B 76 1.45 16.68 20.93
C ASP B 76 0.16 17.53 20.91
N ARG B 77 0.12 18.49 19.99
CA ARG B 77 -0.81 19.62 20.06
C ARG B 77 -2.22 19.39 19.49
N TRP B 78 -2.34 18.64 18.41
CA TRP B 78 -3.60 18.57 17.67
C TRP B 78 -4.34 17.28 17.95
N HIS B 79 -5.53 17.43 18.51
CA HIS B 79 -6.33 16.29 18.93
C HIS B 79 -7.14 15.75 17.76
N MET B 80 -6.83 14.53 17.36
CA MET B 80 -7.49 13.89 16.23
C MET B 80 -8.42 12.81 16.74
N GLN B 81 -9.72 13.08 16.64
CA GLN B 81 -10.73 12.06 16.93
CA GLN B 81 -10.74 12.08 16.93
C GLN B 81 -10.80 11.10 15.77
N LEU B 82 -10.58 9.81 16.06
CA LEU B 82 -10.47 8.81 15.01
C LEU B 82 -11.79 8.25 14.53
N GLN B 83 -11.79 7.93 13.24
CA GLN B 83 -12.77 7.08 12.61
C GLN B 83 -12.06 5.79 12.26
N ASN B 84 -12.82 4.78 11.84
CA ASN B 84 -12.17 3.65 11.22
C ASN B 84 -11.60 4.12 9.89
N LEU B 85 -10.59 3.44 9.38
CA LEU B 85 -9.95 3.86 8.15
C LEU B 85 -10.89 3.95 6.95
N ASN B 86 -11.97 3.17 6.97
CA ASN B 86 -12.96 3.26 5.91
C ASN B 86 -13.96 4.41 6.09
N GLY B 87 -13.76 5.24 7.12
CA GLY B 87 -14.56 6.43 7.33
C GLY B 87 -15.77 6.22 8.21
N THR B 88 -16.06 4.97 8.57
CA THR B 88 -17.17 4.69 9.46
C THR B 88 -16.82 5.07 10.89
N THR B 89 -17.83 5.25 11.70
CA THR B 89 -17.65 5.67 13.08
C THR B 89 -16.92 4.60 13.89
N TYR B 90 -15.88 5.02 14.60
CA TYR B 90 -15.14 4.11 15.46
C TYR B 90 -15.84 3.86 16.81
N ASP B 91 -15.98 2.59 17.17
CA ASP B 91 -16.64 2.20 18.40
C ASP B 91 -15.60 1.70 19.40
N PRO B 92 -15.31 2.48 20.44
CA PRO B 92 -14.28 2.08 21.41
C PRO B 92 -14.64 0.83 22.19
N THR B 93 -15.86 0.30 22.07
CA THR B 93 -16.23 -0.92 22.79
C THR B 93 -16.05 -2.19 21.97
N ASP B 94 -15.65 -2.04 20.70
CA ASP B 94 -15.37 -3.18 19.81
CA ASP B 94 -15.42 -3.22 19.86
C ASP B 94 -14.24 -4.04 20.38
N ASP B 95 -14.24 -5.33 20.04
CA ASP B 95 -13.24 -6.26 20.55
C ASP B 95 -11.95 -6.24 19.74
N VAL B 96 -11.32 -5.08 19.70
CA VAL B 96 -10.03 -4.87 19.05
C VAL B 96 -9.13 -4.08 19.99
N PRO B 97 -7.80 -4.15 19.79
CA PRO B 97 -6.89 -3.39 20.67
C PRO B 97 -6.96 -1.89 20.46
N ALA B 98 -7.35 -1.50 19.24
CA ALA B 98 -7.32 -0.12 18.77
C ALA B 98 -7.91 -0.14 17.36
N PRO B 99 -8.22 1.03 16.79
CA PRO B 99 -8.66 1.01 15.39
C PRO B 99 -7.69 0.23 14.51
N LEU B 100 -8.22 -0.51 13.56
CA LEU B 100 -7.34 -1.29 12.71
C LEU B 100 -6.38 -0.37 11.96
N GLY B 101 -5.14 -0.83 11.84
CA GLY B 101 -4.07 -0.08 11.23
C GLY B 101 -3.19 0.72 12.20
N THR B 102 -3.67 0.93 13.42
CA THR B 102 -2.90 1.68 14.41
C THR B 102 -1.48 1.12 14.51
N PRO B 103 -0.44 1.97 14.59
CA PRO B 103 0.91 1.45 14.81
C PRO B 103 1.02 0.55 16.04
N ASP B 104 1.90 -0.42 15.97
CA ASP B 104 2.05 -1.41 17.05
C ASP B 104 3.44 -1.41 17.67
N PHE B 105 4.07 -0.24 17.70
CA PHE B 105 5.40 -0.11 18.25
C PHE B 105 5.54 1.22 18.95
N LYS B 106 6.55 1.30 19.80
CA LYS B 106 6.88 2.53 20.50
C LYS B 106 7.87 3.31 19.66
N GLY B 107 7.55 4.57 19.40
CA GLY B 107 8.43 5.42 18.63
C GLY B 107 7.63 6.56 18.04
N VAL B 108 8.21 7.20 17.02
CA VAL B 108 7.51 8.25 16.29
C VAL B 108 7.28 7.76 14.88
N VAL B 109 6.05 7.91 14.39
CA VAL B 109 5.78 7.72 12.98
C VAL B 109 5.72 9.09 12.35
N PHE B 110 6.51 9.31 11.29
CA PHE B 110 6.44 10.57 10.57
C PHE B 110 5.79 10.36 9.21
N GLY B 111 5.14 11.40 8.73
CA GLY B 111 4.51 11.34 7.42
C GLY B 111 3.86 12.69 7.14
N MET B 112 2.68 12.65 6.54
CA MET B 112 1.93 13.87 6.26
C MET B 112 0.50 13.77 6.70
N VAL B 113 -0.04 14.90 7.10
CA VAL B 113 -1.48 15.04 7.29
C VAL B 113 -2.07 15.79 6.12
N SER B 114 -3.30 15.45 5.76
CA SER B 114 -4.04 16.16 4.74
C SER B 114 -5.46 16.36 5.24
N GLN B 115 -6.06 17.48 4.85
CA GLN B 115 -7.44 17.80 5.23
C GLN B 115 -8.22 18.15 3.99
N ARG B 116 -9.53 17.88 4.06
CA ARG B 116 -10.46 18.31 3.02
C ARG B 116 -11.74 18.67 3.74
N ASN B 117 -12.10 19.95 3.69
CA ASN B 117 -13.20 20.44 4.49
C ASN B 117 -14.54 19.89 4.03
N VAL B 118 -15.43 19.70 4.99
CA VAL B 118 -16.83 19.37 4.71
C VAL B 118 -17.67 20.34 5.54
N GLY B 119 -18.98 20.32 5.34
CA GLY B 119 -19.88 21.15 6.10
C GLY B 119 -19.91 22.56 5.56
N ASN B 120 -20.08 23.53 6.45
CA ASN B 120 -20.34 24.89 6.02
C ASN B 120 -19.09 25.74 5.79
N ASP B 121 -17.98 25.41 6.43
CA ASP B 121 -16.77 26.24 6.38
C ASP B 121 -15.86 25.84 5.21
N ALA B 122 -16.01 26.54 4.09
CA ALA B 122 -15.21 26.32 2.88
C ALA B 122 -15.09 24.84 2.52
N PRO B 123 -16.23 24.17 2.39
CA PRO B 123 -16.17 22.77 1.98
C PRO B 123 -15.40 22.59 0.69
N GLY B 124 -14.57 21.55 0.66
CA GLY B 124 -13.75 21.23 -0.48
C GLY B 124 -12.35 21.84 -0.41
N SER B 125 -12.15 22.82 0.47
CA SER B 125 -10.81 23.38 0.61
C SER B 125 -9.89 22.33 1.22
N THR B 126 -8.63 22.33 0.80
CA THR B 126 -7.68 21.31 1.21
C THR B 126 -6.37 21.92 1.71
N ARG B 127 -5.59 21.12 2.42
CA ARG B 127 -4.26 21.51 2.83
C ARG B 127 -3.52 20.24 3.25
N ALA B 128 -2.19 20.26 3.19
CA ALA B 128 -1.40 19.11 3.59
C ALA B 128 -0.03 19.57 4.05
N GLN B 129 0.54 18.85 5.01
CA GLN B 129 1.84 19.22 5.56
C GLN B 129 2.43 18.05 6.33
N GLN B 130 3.71 18.16 6.68
CA GLN B 130 4.36 17.12 7.47
CA GLN B 130 4.36 17.13 7.49
C GLN B 130 3.77 17.03 8.87
N ALA B 131 3.72 15.80 9.38
CA ALA B 131 3.23 15.53 10.73
C ALA B 131 3.95 14.36 11.33
N TRP B 132 3.88 14.28 12.65
CA TRP B 132 4.47 13.21 13.44
C TRP B 132 3.45 12.72 14.46
N VAL B 133 3.41 11.43 14.69
CA VAL B 133 2.62 10.85 15.77
C VAL B 133 3.56 10.06 16.67
N SER B 134 3.65 10.46 17.93
CA SER B 134 4.45 9.74 18.91
C SER B 134 3.57 8.74 19.65
N THR B 135 3.94 7.47 19.60
CA THR B 135 3.17 6.45 20.28
C THR B 135 3.61 6.31 21.73
N TYR B 136 4.57 7.14 22.16
CA TYR B 136 4.89 7.26 23.57
C TYR B 136 3.99 8.27 24.25
N SER B 137 3.33 9.13 23.47
CA SER B 137 2.56 10.24 24.02
C SER B 137 1.46 9.80 24.96
N PRO B 138 1.26 10.52 26.07
CA PRO B 138 0.10 10.21 26.90
C PRO B 138 -1.22 10.51 26.20
N GLN B 139 -1.16 11.24 25.08
CA GLN B 139 -2.36 11.51 24.28
C GLN B 139 -2.49 10.52 23.13
N PHE B 140 -1.59 9.55 23.06
CA PHE B 140 -1.76 8.45 22.12
C PHE B 140 -2.71 7.45 22.76
N VAL B 141 -4.00 7.64 22.51
CA VAL B 141 -5.04 6.80 23.09
C VAL B 141 -6.01 6.31 22.03
N PRO B 142 -5.47 5.67 20.98
CA PRO B 142 -6.31 5.30 19.84
C PRO B 142 -7.45 4.37 20.26
N LYS B 143 -7.24 3.49 21.23
CA LYS B 143 -8.33 2.63 21.66
C LYS B 143 -9.50 3.45 22.19
N LEU B 144 -9.19 4.54 22.89
CA LEU B 144 -10.25 5.41 23.42
C LEU B 144 -10.87 6.26 22.33
N GLY B 145 -10.16 6.44 21.22
CA GLY B 145 -10.69 7.09 20.04
C GLY B 145 -9.92 8.32 19.56
N SER B 146 -8.72 8.56 20.07
CA SER B 146 -7.97 9.73 19.62
C SER B 146 -6.47 9.58 19.73
N VAL B 147 -5.76 10.32 18.87
CA VAL B 147 -4.32 10.51 18.99
C VAL B 147 -4.05 11.98 18.80
N ASN B 148 -2.92 12.45 19.33
CA ASN B 148 -2.52 13.82 19.08
C ASN B 148 -1.34 13.88 18.13
N LEU B 149 -1.40 14.88 17.27
CA LEU B 149 -0.42 15.06 16.21
C LEU B 149 0.47 16.24 16.50
N ARG B 150 1.73 16.10 16.10
CA ARG B 150 2.66 17.23 15.97
C ARG B 150 2.69 17.57 14.48
N ILE B 151 2.58 18.85 14.15
CA ILE B 151 2.63 19.25 12.74
C ILE B 151 3.67 20.35 12.54
N SER B 152 3.95 20.64 11.28
CA SER B 152 4.97 21.60 10.91
C SER B 152 4.51 23.05 10.91
N ASP B 153 3.23 23.29 10.63
CA ASP B 153 2.71 24.64 10.50
C ASP B 153 1.40 24.75 11.24
N ASN B 154 1.47 25.21 12.49
CA ASN B 154 0.29 25.30 13.32
C ASN B 154 -0.73 26.32 12.85
N ASP B 155 -0.33 27.22 11.95
CA ASP B 155 -1.25 28.25 11.48
C ASP B 155 -2.05 27.87 10.23
N ASP B 156 -1.83 26.69 9.69
CA ASP B 156 -2.58 26.24 8.51
C ASP B 156 -3.17 24.86 8.76
N PHE B 157 -4.07 24.80 9.73
CA PHE B 157 -4.64 23.52 10.12
C PHE B 157 -5.99 23.81 10.77
N GLN B 158 -7.01 23.08 10.35
CA GLN B 158 -8.38 23.37 10.75
C GLN B 158 -9.05 22.18 11.44
N PHE B 159 -10.22 22.44 12.00
CA PHE B 159 -11.00 21.39 12.67
C PHE B 159 -11.87 20.75 11.61
N GLN B 160 -11.26 19.83 10.88
CA GLN B 160 -11.83 19.29 9.66
C GLN B 160 -11.37 17.85 9.47
N PRO B 161 -12.00 17.13 8.54
CA PRO B 161 -11.58 15.76 8.25
C PRO B 161 -10.11 15.71 7.86
N THR B 162 -9.42 14.75 8.46
CA THR B 162 -7.97 14.66 8.39
C THR B 162 -7.55 13.21 8.16
N LYS B 163 -6.54 13.02 7.30
CA LYS B 163 -5.90 11.72 7.09
C LYS B 163 -4.41 11.86 7.38
N PHE B 164 -3.87 10.87 8.05
CA PHE B 164 -2.44 10.74 8.26
C PHE B 164 -1.90 9.63 7.36
N THR B 165 -0.92 9.99 6.54
CA THR B 165 -0.23 9.07 5.66
C THR B 165 1.19 8.86 6.17
N PRO B 166 1.51 7.65 6.63
CA PRO B 166 2.85 7.40 7.17
C PRO B 166 3.89 7.32 6.07
N VAL B 167 5.11 7.76 6.39
CA VAL B 167 6.24 7.64 5.47
C VAL B 167 7.39 6.85 6.10
N GLY B 168 7.68 7.09 7.37
CA GLY B 168 8.72 6.35 8.05
C GLY B 168 8.60 6.46 9.55
N VAL B 169 9.66 6.03 10.23
CA VAL B 169 9.67 6.01 11.68
C VAL B 169 10.94 6.63 12.19
N ASN B 170 10.97 6.90 13.50
CA ASN B 170 12.21 7.28 14.12
C ASN B 170 12.13 7.13 15.61
N ASP B 171 13.29 7.24 16.25
CA ASP B 171 13.36 7.43 17.68
C ASP B 171 12.66 8.75 17.97
N ASP B 172 12.09 8.86 19.16
CA ASP B 172 11.58 10.15 19.65
C ASP B 172 12.70 10.84 20.40
N ASP B 173 12.45 12.07 20.83
CA ASP B 173 13.49 12.88 21.44
C ASP B 173 13.80 12.51 22.87
N ASP B 174 15.06 12.71 23.24
CA ASP B 174 15.53 12.61 24.61
C ASP B 174 15.10 11.36 25.37
N GLY B 175 15.55 10.21 24.90
CA GLY B 175 15.42 8.97 25.65
C GLY B 175 14.14 8.19 25.43
N HIS B 176 13.54 8.34 24.25
CA HIS B 176 12.35 7.56 23.88
C HIS B 176 12.60 6.89 22.53
N PRO B 177 13.30 5.76 22.54
CA PRO B 177 13.79 5.13 21.31
C PRO B 177 12.72 4.38 20.55
N PHE B 178 12.96 4.21 19.26
CA PHE B 178 12.12 3.37 18.44
C PHE B 178 12.34 1.93 18.88
N ARG B 179 11.29 1.32 19.41
CA ARG B 179 11.36 -0.06 19.89
CA ARG B 179 11.37 -0.06 19.89
C ARG B 179 10.25 -0.86 19.24
N GLN B 180 10.61 -1.60 18.19
CA GLN B 180 9.59 -2.25 17.37
C GLN B 180 8.82 -3.36 18.05
N TRP B 181 9.33 -3.88 19.15
CA TRP B 181 8.65 -4.97 19.86
C TRP B 181 7.97 -4.55 21.14
N GLU B 182 7.98 -3.25 21.43
CA GLU B 182 7.26 -2.73 22.58
C GLU B 182 5.95 -2.13 22.10
N LEU B 183 4.84 -2.69 22.56
CA LEU B 183 3.54 -2.20 22.19
C LEU B 183 3.27 -0.85 22.86
N PRO B 184 2.62 0.06 22.13
CA PRO B 184 2.15 1.25 22.84
C PRO B 184 1.04 0.90 23.81
N ASN B 185 0.73 1.82 24.72
CA ASN B 185 -0.47 1.70 25.55
C ASN B 185 -1.62 2.29 24.75
N TYR B 186 -2.44 1.43 24.15
CA TYR B 186 -3.49 1.92 23.27
C TYR B 186 -4.56 2.78 23.95
N SER B 187 -4.72 2.61 25.27
CA SER B 187 -5.65 3.44 26.04
C SER B 187 -4.90 4.34 27.01
N GLY B 188 -3.60 4.51 26.78
CA GLY B 188 -2.81 5.42 27.57
C GLY B 188 -2.33 4.85 28.90
N GLU B 189 -1.73 5.74 29.69
CA GLU B 189 -1.06 5.36 30.93
C GLU B 189 -2.02 4.67 31.90
N LEU B 190 -1.51 3.61 32.53
CA LEU B 190 -2.19 2.88 33.61
C LEU B 190 -3.36 2.01 33.14
N THR B 191 -3.49 1.86 31.83
CA THR B 191 -4.52 1.02 31.21
CA THR B 191 -4.52 0.97 31.32
C THR B 191 -3.89 -0.20 30.54
N LEU B 192 -4.48 -1.37 30.72
CA LEU B 192 -3.97 -2.57 30.06
C LEU B 192 -4.48 -2.68 28.65
N ASN B 193 -3.62 -3.11 27.73
CA ASN B 193 -4.07 -3.40 26.38
C ASN B 193 -4.95 -4.64 26.42
N MET B 194 -5.93 -4.70 25.53
CA MET B 194 -6.84 -5.84 25.47
CA MET B 194 -6.77 -5.90 25.46
C MET B 194 -7.10 -6.28 24.02
N ASN B 195 -7.71 -7.45 23.88
CA ASN B 195 -8.06 -8.01 22.58
C ASN B 195 -6.82 -8.20 21.71
N LEU B 196 -5.69 -8.44 22.35
CA LEU B 196 -4.42 -8.58 21.65
C LEU B 196 -4.27 -9.91 20.94
N ALA B 197 -3.67 -9.88 19.77
CA ALA B 197 -3.16 -11.11 19.17
C ALA B 197 -2.09 -11.64 20.13
N PRO B 198 -2.01 -12.97 20.28
CA PRO B 198 -1.12 -13.53 21.31
C PRO B 198 0.36 -13.36 21.00
N PRO B 199 1.21 -13.43 22.03
CA PRO B 199 2.65 -13.45 21.80
C PRO B 199 3.04 -14.69 21.02
N VAL B 200 4.13 -14.63 20.28
CA VAL B 200 4.62 -15.78 19.53
C VAL B 200 6.05 -16.09 19.92
N ALA B 201 6.34 -17.38 20.00
CA ALA B 201 7.69 -17.83 20.30
C ALA B 201 7.86 -19.25 19.77
N PRO B 202 9.11 -19.65 19.50
CA PRO B 202 9.36 -21.06 19.19
C PRO B 202 9.03 -21.92 20.39
N ASN B 203 8.50 -23.11 20.14
CA ASN B 203 8.10 -24.03 21.19
C ASN B 203 8.80 -25.36 20.98
N PHE B 204 9.99 -25.29 20.38
CA PHE B 204 10.77 -26.48 20.05
C PHE B 204 12.23 -26.09 20.20
N PRO B 205 13.04 -26.93 20.88
CA PRO B 205 14.44 -26.57 21.09
C PRO B 205 15.21 -26.40 19.79
N GLY B 206 16.04 -25.35 19.70
CA GLY B 206 16.86 -25.14 18.53
C GLY B 206 16.15 -24.34 17.45
N GLU B 207 14.89 -23.95 17.70
CA GLU B 207 14.14 -23.15 16.73
C GLU B 207 14.13 -21.68 17.11
N GLN B 208 13.99 -20.85 16.07
CA GLN B 208 13.92 -19.41 16.18
C GLN B 208 12.87 -18.90 15.25
N LEU B 209 12.34 -17.72 15.56
CA LEU B 209 11.44 -17.06 14.63
C LEU B 209 12.18 -16.62 13.38
N LEU B 210 11.46 -16.62 12.27
CA LEU B 210 11.94 -16.07 11.01
C LEU B 210 11.06 -14.88 10.68
N PHE B 211 11.68 -13.75 10.37
CA PHE B 211 10.96 -12.52 10.04
C PHE B 211 11.17 -12.09 8.61
N PHE B 212 10.16 -11.39 8.09
CA PHE B 212 10.27 -10.66 6.85
C PHE B 212 10.62 -9.23 7.22
N ARG B 213 11.83 -8.82 6.86
CA ARG B 213 12.42 -7.59 7.35
C ARG B 213 12.40 -6.48 6.31
N SER B 214 12.07 -5.27 6.76
CA SER B 214 12.22 -4.08 5.95
C SER B 214 13.08 -3.07 6.67
N PHE B 215 13.77 -2.25 5.89
CA PHE B 215 14.51 -1.10 6.40
C PHE B 215 13.76 0.12 5.93
N VAL B 216 12.98 0.70 6.83
CA VAL B 216 12.04 1.76 6.45
C VAL B 216 12.71 3.13 6.55
N PRO B 217 12.08 4.15 5.96
CA PRO B 217 12.72 5.47 6.02
C PRO B 217 12.78 6.03 7.43
N CYS B 218 13.84 6.78 7.70
CA CYS B 218 13.94 7.55 8.93
C CYS B 218 14.16 9.01 8.58
N SER B 219 13.84 9.88 9.53
CA SER B 219 13.78 11.31 9.30
C SER B 219 14.92 12.06 9.97
N GLY B 220 16.03 11.40 10.18
CA GLY B 220 17.16 12.04 10.84
C GLY B 220 17.88 11.05 11.72
N GLY B 221 19.16 11.27 11.97
CA GLY B 221 19.94 10.33 12.74
C GLY B 221 20.30 9.08 11.98
N TYR B 222 20.65 8.03 12.71
CA TYR B 222 21.29 6.87 12.15
C TYR B 222 20.48 5.59 12.32
N ASN B 223 19.23 5.71 12.78
CA ASN B 223 18.42 4.52 12.96
C ASN B 223 18.29 3.73 11.65
N GLN B 224 18.40 2.41 11.76
CA GLN B 224 18.37 1.55 10.60
C GLN B 224 16.96 1.34 10.06
N GLY B 225 15.96 1.76 10.84
CA GLY B 225 14.57 1.64 10.42
C GLY B 225 14.07 0.21 10.29
N ILE B 226 14.55 -0.68 11.14
CA ILE B 226 14.20 -2.08 10.99
C ILE B 226 12.80 -2.35 11.52
N ILE B 227 11.95 -2.86 10.64
CA ILE B 227 10.63 -3.38 11.03
C ILE B 227 10.49 -4.78 10.49
N ASP B 228 10.31 -5.71 11.43
CA ASP B 228 10.19 -7.12 11.14
C ASP B 228 8.75 -7.54 11.27
N CYS B 229 8.21 -8.26 10.29
CA CYS B 229 6.85 -8.78 10.40
C CYS B 229 6.85 -10.29 10.34
N LEU B 230 5.78 -10.88 10.85
CA LEU B 230 5.70 -12.33 11.00
C LEU B 230 5.35 -13.00 9.68
N ILE B 231 4.39 -12.40 8.97
CA ILE B 231 4.04 -12.82 7.63
C ILE B 231 3.72 -11.56 6.85
N PRO B 232 4.01 -11.56 5.54
CA PRO B 232 3.81 -10.34 4.76
C PRO B 232 2.34 -10.09 4.46
N GLN B 233 2.03 -8.87 4.07
CA GLN B 233 0.64 -8.46 3.88
C GLN B 233 -0.08 -9.30 2.83
N GLU B 234 0.62 -9.67 1.76
CA GLU B 234 -0.02 -10.45 0.71
C GLU B 234 -0.41 -11.85 1.18
N TRP B 235 0.34 -12.42 2.12
CA TRP B 235 -0.06 -13.70 2.66
C TRP B 235 -1.36 -13.53 3.46
N ILE B 236 -1.45 -12.47 4.24
CA ILE B 236 -2.67 -12.18 5.01
C ILE B 236 -3.85 -12.01 4.08
N GLN B 237 -3.66 -11.23 3.03
CA GLN B 237 -4.72 -11.03 2.05
C GLN B 237 -5.16 -12.36 1.43
N HIS B 238 -4.18 -13.21 1.12
CA HIS B 238 -4.43 -14.51 0.56
C HIS B 238 -5.20 -15.43 1.51
N PHE B 239 -4.74 -15.53 2.77
CA PHE B 239 -5.39 -16.39 3.73
C PHE B 239 -6.83 -15.90 3.99
N TYR B 240 -7.01 -14.60 4.04
CA TYR B 240 -8.35 -14.04 4.23
C TYR B 240 -9.29 -14.46 3.10
N GLN B 241 -8.80 -14.43 1.85
CA GLN B 241 -9.60 -14.90 0.72
C GLN B 241 -9.89 -16.39 0.78
N GLU B 242 -8.84 -17.17 1.00
CA GLU B 242 -8.93 -18.63 0.87
C GLU B 242 -9.66 -19.29 2.02
N SER B 243 -9.37 -18.83 3.24
CA SER B 243 -9.90 -19.41 4.46
C SER B 243 -9.85 -20.94 4.43
N ALA B 244 -8.69 -21.47 4.08
CA ALA B 244 -8.49 -22.92 4.06
C ALA B 244 -8.40 -23.48 5.48
N PRO B 245 -9.12 -24.57 5.79
CA PRO B 245 -9.00 -25.16 7.14
C PRO B 245 -7.56 -25.57 7.48
N SER B 246 -7.12 -25.29 8.70
CA SER B 246 -5.80 -25.71 9.15
C SER B 246 -5.95 -27.13 9.66
N GLN B 247 -5.14 -28.04 9.14
CA GLN B 247 -5.28 -29.45 9.47
C GLN B 247 -4.42 -29.88 10.64
N SER B 248 -3.54 -28.99 11.07
CA SER B 248 -2.78 -29.19 12.27
C SER B 248 -2.35 -27.81 12.72
N ASP B 249 -1.56 -27.74 13.77
CA ASP B 249 -1.09 -26.47 14.28
C ASP B 249 0.15 -26.01 13.53
N VAL B 250 0.66 -26.84 12.63
CA VAL B 250 1.92 -26.53 11.96
C VAL B 250 1.95 -26.93 10.49
N ALA B 251 2.17 -25.97 9.61
CA ALA B 251 2.35 -26.22 8.19
C ALA B 251 3.84 -26.23 7.88
N LEU B 252 4.30 -27.26 7.17
CA LEU B 252 5.67 -27.30 6.67
C LEU B 252 5.75 -26.53 5.35
N ILE B 253 6.64 -25.55 5.28
CA ILE B 253 6.87 -24.79 4.06
C ILE B 253 8.32 -24.92 3.64
N ARG B 254 8.54 -24.89 2.36
CA ARG B 254 9.88 -24.96 1.81
C ARG B 254 10.18 -23.70 1.00
N TYR B 255 11.40 -23.19 1.13
CA TYR B 255 11.82 -22.05 0.34
C TYR B 255 12.47 -22.62 -0.92
N VAL B 256 11.88 -22.30 -2.08
CA VAL B 256 12.30 -22.90 -3.32
C VAL B 256 12.88 -21.87 -4.28
N ASN B 257 13.88 -22.31 -5.04
CA ASN B 257 14.38 -21.57 -6.18
C ASN B 257 13.70 -22.11 -7.43
N PRO B 258 12.73 -21.36 -7.97
CA PRO B 258 11.96 -21.89 -9.11
C PRO B 258 12.80 -22.09 -10.37
N ASP B 259 13.94 -21.42 -10.45
CA ASP B 259 14.81 -21.52 -11.61
C ASP B 259 15.45 -22.89 -11.68
N THR B 260 15.86 -23.40 -10.52
CA THR B 260 16.52 -24.70 -10.42
C THR B 260 15.56 -25.79 -9.92
N GLY B 261 14.49 -25.38 -9.26
CA GLY B 261 13.53 -26.32 -8.72
C GLY B 261 13.95 -26.85 -7.36
N ARG B 262 15.12 -26.41 -6.89
CA ARG B 262 15.68 -26.91 -5.63
C ARG B 262 15.06 -26.23 -4.41
N THR B 263 14.94 -27.00 -3.34
CA THR B 263 14.54 -26.46 -2.04
C THR B 263 15.78 -26.04 -1.27
N LEU B 264 15.80 -24.79 -0.82
CA LEU B 264 16.97 -24.24 -0.15
C LEU B 264 16.96 -24.51 1.35
N PHE B 265 15.79 -24.37 1.98
CA PHE B 265 15.63 -24.70 3.38
C PHE B 265 14.14 -24.91 3.66
N GLU B 266 13.83 -25.42 4.85
CA GLU B 266 12.44 -25.62 5.24
C GLU B 266 12.15 -24.89 6.54
N ALA B 267 10.87 -24.68 6.80
CA ALA B 267 10.45 -23.90 7.96
C ALA B 267 9.07 -24.35 8.39
N LYS B 268 8.74 -24.02 9.63
CA LYS B 268 7.41 -24.27 10.17
C LYS B 268 6.61 -23.00 10.11
N LEU B 269 5.43 -23.10 9.51
CA LEU B 269 4.46 -22.01 9.49
C LEU B 269 3.33 -22.36 10.43
N HIS B 270 3.28 -21.68 11.57
CA HIS B 270 2.35 -22.03 12.65
C HIS B 270 0.96 -21.47 12.42
N ARG B 271 -0.03 -22.18 12.94
CA ARG B 271 -1.45 -21.86 12.77
C ARG B 271 -1.79 -20.39 13.03
N SER B 272 -1.18 -19.81 14.05
CA SER B 272 -1.51 -18.42 14.39
C SER B 272 -0.82 -17.41 13.47
N GLY B 273 0.01 -17.88 12.54
CA GLY B 273 0.58 -17.03 11.51
C GLY B 273 1.96 -16.49 11.79
N TYR B 274 2.92 -17.38 12.03
CA TYR B 274 4.31 -16.98 12.16
C TYR B 274 5.18 -18.17 11.78
N ILE B 275 6.44 -17.91 11.51
CA ILE B 275 7.36 -18.92 10.99
C ILE B 275 8.51 -19.18 11.96
N THR B 276 8.88 -20.44 12.13
CA THR B 276 10.11 -20.78 12.83
C THR B 276 11.05 -21.60 11.95
N VAL B 277 12.33 -21.48 12.24
CA VAL B 277 13.36 -22.23 11.54
C VAL B 277 14.30 -22.80 12.57
N ALA B 278 15.03 -23.83 12.17
CA ALA B 278 16.03 -24.44 13.05
C ALA B 278 17.35 -23.73 12.83
N HIS B 279 17.68 -22.81 13.73
CA HIS B 279 18.94 -22.10 13.67
C HIS B 279 19.26 -21.51 15.03
N SER B 280 20.53 -21.24 15.27
CA SER B 280 20.96 -20.62 16.52
C SER B 280 21.79 -19.36 16.23
N GLY B 281 21.24 -18.21 16.61
CA GLY B 281 21.94 -16.94 16.45
C GLY B 281 21.19 -15.99 15.54
N ASP B 282 21.44 -14.69 15.69
CA ASP B 282 20.91 -13.70 14.74
C ASP B 282 21.55 -13.96 13.38
N TYR B 283 20.72 -14.03 12.35
CA TYR B 283 21.23 -14.34 11.03
C TYR B 283 20.38 -13.73 9.92
N PRO B 284 20.96 -12.79 9.17
CA PRO B 284 20.30 -12.32 7.94
C PRO B 284 20.54 -13.32 6.81
N LEU B 285 19.46 -13.83 6.24
CA LEU B 285 19.56 -14.78 5.15
C LEU B 285 19.96 -14.07 3.88
N VAL B 286 20.78 -14.74 3.08
CA VAL B 286 21.12 -14.24 1.75
C VAL B 286 20.79 -15.34 0.77
N VAL B 287 19.65 -15.18 0.10
CA VAL B 287 19.10 -16.20 -0.79
C VAL B 287 18.73 -15.58 -2.14
N PRO B 288 18.55 -16.43 -3.16
CA PRO B 288 18.29 -15.94 -4.53
C PRO B 288 17.06 -15.06 -4.64
N ALA B 289 17.12 -14.08 -5.53
CA ALA B 289 16.05 -13.09 -5.66
C ALA B 289 14.73 -13.68 -6.12
N ASN B 290 14.78 -14.81 -6.82
CA ASN B 290 13.55 -15.44 -7.30
CA ASN B 290 13.53 -15.42 -7.27
C ASN B 290 12.92 -16.41 -6.29
N GLY B 291 13.57 -16.57 -5.14
CA GLY B 291 13.12 -17.53 -4.15
C GLY B 291 11.77 -17.20 -3.54
N HIS B 292 11.04 -18.23 -3.12
CA HIS B 292 9.78 -18.00 -2.44
C HIS B 292 9.36 -19.27 -1.70
N PHE B 293 8.57 -19.10 -0.65
CA PHE B 293 8.02 -20.23 0.07
C PHE B 293 6.89 -20.91 -0.72
N ARG B 294 6.80 -22.22 -0.56
CA ARG B 294 5.65 -23.01 -0.99
C ARG B 294 5.24 -23.91 0.16
N PHE B 295 3.94 -24.11 0.28
CA PHE B 295 3.41 -25.05 1.26
C PHE B 295 3.72 -26.47 0.82
N ASP B 296 4.27 -27.25 1.75
CA ASP B 296 4.59 -28.65 1.48
C ASP B 296 3.51 -29.59 2.03
N SER B 297 3.27 -29.54 3.33
CA SER B 297 2.35 -30.48 3.97
C SER B 297 2.07 -30.09 5.42
N TRP B 298 1.00 -30.63 5.98
CA TRP B 298 0.69 -30.40 7.39
C TRP B 298 1.49 -31.34 8.27
N VAL B 299 2.22 -30.78 9.22
CA VAL B 299 3.01 -31.59 10.15
C VAL B 299 2.50 -31.33 11.55
N ASN B 300 3.35 -31.45 12.56
CA ASN B 300 2.91 -31.17 13.93
C ASN B 300 4.08 -30.72 14.79
N GLN B 301 3.82 -30.51 16.07
CA GLN B 301 4.81 -29.94 16.98
C GLN B 301 6.04 -30.82 17.11
N PHE B 302 5.91 -32.11 16.82
CA PHE B 302 7.02 -33.04 16.99
C PHE B 302 7.97 -33.06 15.80
N TYR B 303 7.61 -32.37 14.72
CA TYR B 303 8.44 -32.37 13.51
C TYR B 303 9.75 -31.63 13.75
N SER B 304 10.87 -32.27 13.43
CA SER B 304 12.19 -31.66 13.58
C SER B 304 12.64 -31.11 12.25
N LEU B 305 12.78 -29.80 12.17
CA LEU B 305 13.19 -29.14 10.95
C LEU B 305 14.62 -29.48 10.64
N ALA B 306 14.93 -29.62 9.36
CA ALA B 306 16.32 -29.69 8.95
C ALA B 306 16.97 -28.38 9.32
N PRO B 307 18.21 -28.42 9.85
CA PRO B 307 18.90 -27.18 10.21
C PRO B 307 18.98 -26.23 9.03
N MET B 308 18.67 -24.97 9.29
CA MET B 308 18.75 -23.94 8.28
C MET B 308 20.19 -23.66 7.90
#